data_9B6Z
#
_entry.id   9B6Z
#
loop_
_entity.id
_entity.type
_entity.pdbx_description
1 polymer 'Myc1234 G4'
2 non-polymer Bis(1,10-phenanthroline)platinum(II)
#
_entity_poly.entity_id   1
_entity_poly.type   'polydeoxyribonucleotide'
_entity_poly.pdbx_seq_one_letter_code
;(DT)(DA)(DG)(DG)(DG)(DA)(DG)(DG)(DG)(DT)(DA)(DG)(DG)(DG)(DA)(DG)(DG)(DG)(DT)
;
_entity_poly.pdbx_strand_id   A
#